data_4RMB
#
_entry.id   4RMB
#
_cell.length_a   39.050
_cell.length_b   71.890
_cell.length_c   47.320
_cell.angle_alpha   90.00
_cell.angle_beta   96.03
_cell.angle_gamma   90.00
#
_symmetry.space_group_name_H-M   'P 1 21 1'
#
loop_
_entity.id
_entity.type
_entity.pdbx_description
1 polymer 'Serine rich repeat protein-1 (Srr-1)'
2 water water
#
_entity_poly.entity_id   1
_entity_poly.type   'polypeptide(L)'
_entity_poly.pdbx_seq_one_letter_code
;RIMKLDDERQTETYITQINPEGKEMYFASGLGNLYTIIGSDGTSGSPVNLLNAEVKILKTNSKNLTDSMDQNYDSPEFED
VTSQYSYTNDGSKITIDWKTNSISSTTSYVVLVKIPKQSGVLYSTVSDINQTYGSKYSYGHTNISGDSDANAEIKLLSLE
HHHHHH
;
_entity_poly.pdbx_strand_id   A,B
#
# COMPACT_ATOMS: atom_id res chain seq x y z
N GLN A 10 -13.46 -8.27 10.81
CA GLN A 10 -14.74 -8.19 10.05
C GLN A 10 -14.73 -7.02 9.11
N THR A 11 -13.97 -5.98 9.45
CA THR A 11 -13.89 -4.77 8.64
C THR A 11 -12.48 -4.43 8.26
N GLU A 12 -12.33 -3.81 7.10
CA GLU A 12 -11.05 -3.38 6.56
C GLU A 12 -11.18 -1.91 6.19
N THR A 13 -10.11 -1.15 6.36
CA THR A 13 -10.17 0.26 5.98
C THR A 13 -9.02 0.58 5.03
N TYR A 14 -9.37 1.23 3.93
CA TYR A 14 -8.39 1.62 2.93
C TYR A 14 -8.30 3.13 2.96
N ILE A 15 -7.07 3.62 3.03
CA ILE A 15 -6.82 5.05 3.13
C ILE A 15 -6.18 5.59 1.86
N THR A 16 -6.83 6.56 1.23
CA THR A 16 -6.30 7.17 0.02
C THR A 16 -5.97 8.63 0.31
N GLN A 17 -4.71 9.00 0.17
CA GLN A 17 -4.34 10.39 0.39
C GLN A 17 -4.18 11.04 -0.97
N ILE A 18 -4.85 12.18 -1.16
CA ILE A 18 -4.77 12.94 -2.40
C ILE A 18 -3.74 14.04 -2.16
N ASN A 19 -2.77 14.14 -3.06
CA ASN A 19 -1.69 15.13 -2.97
C ASN A 19 -0.91 14.95 -1.66
N PRO A 20 -0.41 13.73 -1.43
CA PRO A 20 0.35 13.40 -0.22
C PRO A 20 1.64 14.19 -0.04
N GLU A 21 2.23 14.65 -1.14
CA GLU A 21 3.49 15.39 -1.05
C GLU A 21 3.39 16.89 -1.30
N GLY A 22 2.17 17.41 -1.30
CA GLY A 22 1.94 18.84 -1.48
C GLY A 22 2.51 19.44 -2.74
N LYS A 23 2.01 18.99 -3.88
CA LYS A 23 2.47 19.46 -5.18
C LYS A 23 1.34 20.13 -5.93
N GLU A 24 1.69 20.82 -7.02
CA GLU A 24 0.68 21.46 -7.83
C GLU A 24 0.18 20.37 -8.77
N MET A 25 -1.10 20.05 -8.68
CA MET A 25 -1.71 19.03 -9.51
C MET A 25 -2.74 19.69 -10.42
N TYR A 26 -2.47 19.68 -11.73
CA TYR A 26 -3.35 20.31 -12.69
C TYR A 26 -3.72 19.43 -13.86
N PHE A 27 -5.00 19.40 -14.21
CA PHE A 27 -5.48 18.61 -15.34
C PHE A 27 -5.66 19.58 -16.51
N ALA A 28 -4.97 19.30 -17.61
CA ALA A 28 -5.05 20.14 -18.80
C ALA A 28 -6.50 20.37 -19.19
N SER A 29 -6.77 21.52 -19.80
CA SER A 29 -8.11 21.82 -20.23
C SER A 29 -8.50 20.73 -21.23
N GLY A 30 -9.74 20.26 -21.15
CA GLY A 30 -10.19 19.21 -22.04
C GLY A 30 -10.30 17.87 -21.33
N LEU A 31 -9.77 17.83 -20.11
CA LEU A 31 -9.79 16.63 -19.29
C LEU A 31 -10.94 16.64 -18.27
N GLY A 32 -11.40 17.83 -17.92
CA GLY A 32 -12.47 17.93 -16.94
C GLY A 32 -11.84 18.03 -15.56
N ASN A 33 -12.64 17.87 -14.51
CA ASN A 33 -12.13 17.96 -13.15
C ASN A 33 -11.37 16.71 -12.72
N LEU A 34 -10.63 16.85 -11.63
CA LEU A 34 -9.91 15.72 -11.07
C LEU A 34 -10.96 14.92 -10.33
N TYR A 35 -10.85 13.60 -10.40
CA TYR A 35 -11.77 12.72 -9.70
C TYR A 35 -10.93 11.68 -9.02
N THR A 36 -11.55 10.97 -8.08
CA THR A 36 -10.89 9.87 -7.43
C THR A 36 -11.89 8.75 -7.56
N ILE A 37 -11.45 7.65 -8.16
CA ILE A 37 -12.30 6.50 -8.33
C ILE A 37 -11.69 5.39 -7.50
N ILE A 38 -12.54 4.71 -6.74
CA ILE A 38 -12.10 3.59 -5.90
C ILE A 38 -12.95 2.41 -6.29
N GLY A 39 -12.31 1.30 -6.65
CA GLY A 39 -13.07 0.13 -7.06
C GLY A 39 -12.18 -1.09 -7.12
N SER A 40 -12.53 -2.06 -7.97
CA SER A 40 -11.71 -3.25 -8.12
C SER A 40 -11.68 -3.69 -9.58
N ASP A 41 -10.49 -3.68 -10.18
CA ASP A 41 -10.31 -4.07 -11.58
C ASP A 41 -11.05 -5.38 -11.83
N GLY A 42 -10.72 -6.39 -11.01
CA GLY A 42 -11.36 -7.68 -11.15
C GLY A 42 -12.83 -7.60 -10.78
N SER A 46 -14.56 -12.59 -6.95
CA SER A 46 -13.36 -11.89 -7.37
C SER A 46 -13.46 -10.40 -7.09
N PRO A 47 -14.54 -9.75 -7.57
CA PRO A 47 -14.60 -8.31 -7.25
C PRO A 47 -14.93 -8.06 -5.77
N VAL A 48 -14.58 -6.87 -5.32
CA VAL A 48 -14.84 -6.47 -3.95
C VAL A 48 -16.14 -5.69 -3.91
N ASN A 49 -17.07 -6.14 -3.08
CA ASN A 49 -18.36 -5.47 -2.96
C ASN A 49 -18.19 -4.19 -2.16
N LEU A 50 -18.73 -3.08 -2.68
CA LEU A 50 -18.61 -1.80 -2.00
C LEU A 50 -19.93 -1.22 -1.53
N LEU A 51 -21.02 -1.95 -1.75
CA LEU A 51 -22.33 -1.45 -1.34
C LEU A 51 -22.47 -1.12 0.15
N ASN A 52 -21.72 -1.81 1.00
CA ASN A 52 -21.80 -1.54 2.43
C ASN A 52 -20.63 -0.73 2.96
N ALA A 53 -19.95 -0.04 2.06
CA ALA A 53 -18.80 0.77 2.42
C ALA A 53 -19.16 2.01 3.23
N GLU A 54 -18.29 2.34 4.19
CA GLU A 54 -18.44 3.53 4.99
C GLU A 54 -17.38 4.47 4.42
N VAL A 55 -17.80 5.67 4.03
CA VAL A 55 -16.90 6.63 3.42
C VAL A 55 -16.78 7.94 4.18
N LYS A 56 -15.56 8.42 4.35
CA LYS A 56 -15.32 9.69 5.00
C LYS A 56 -14.28 10.44 4.16
N ILE A 57 -14.51 11.73 3.95
CA ILE A 57 -13.57 12.53 3.18
C ILE A 57 -13.09 13.67 4.06
N LEU A 58 -11.77 13.80 4.18
CA LEU A 58 -11.18 14.84 5.00
C LEU A 58 -10.33 15.75 4.14
N LYS A 59 -10.25 17.01 4.54
CA LYS A 59 -9.45 18.00 3.84
C LYS A 59 -8.46 18.56 4.84
N THR A 60 -7.23 18.81 4.40
CA THR A 60 -6.22 19.33 5.31
C THR A 60 -5.12 20.03 4.53
N ASN A 61 -4.30 20.80 5.25
CA ASN A 61 -3.19 21.49 4.62
C ASN A 61 -2.19 20.39 4.33
N SER A 62 -1.67 20.37 3.10
CA SER A 62 -0.71 19.33 2.71
C SER A 62 0.47 19.24 3.67
N LYS A 63 0.84 20.37 4.25
CA LYS A 63 1.96 20.41 5.19
C LYS A 63 1.74 19.45 6.36
N ASN A 64 0.48 19.04 6.56
CA ASN A 64 0.14 18.12 7.64
C ASN A 64 0.36 16.64 7.29
N LEU A 65 0.45 16.33 6.00
CA LEU A 65 0.61 14.95 5.57
C LEU A 65 2.00 14.31 5.49
N THR A 66 1.99 12.99 5.60
CA THR A 66 3.16 12.13 5.54
C THR A 66 2.70 10.70 5.32
N ASN A 72 -3.55 10.08 12.42
CA ASN A 72 -4.86 10.23 13.06
C ASN A 72 -5.71 11.26 12.35
N TYR A 73 -6.67 10.76 11.58
CA TYR A 73 -7.55 11.61 10.80
C TYR A 73 -8.69 12.23 11.57
N ASP A 74 -8.64 12.07 12.90
CA ASP A 74 -9.67 12.61 13.76
C ASP A 74 -9.23 13.93 14.37
N SER A 75 -7.95 14.26 14.19
CA SER A 75 -7.36 15.47 14.74
C SER A 75 -7.98 16.73 14.13
N PRO A 76 -7.96 17.86 14.86
CA PRO A 76 -8.52 19.10 14.34
C PRO A 76 -7.90 19.62 13.05
N GLU A 77 -6.74 19.08 12.68
CA GLU A 77 -6.07 19.50 11.45
C GLU A 77 -6.79 18.96 10.21
N PHE A 78 -7.65 17.98 10.42
CA PHE A 78 -8.41 17.36 9.33
C PHE A 78 -9.87 17.80 9.42
N GLU A 79 -10.37 18.40 8.35
CA GLU A 79 -11.74 18.87 8.29
C GLU A 79 -12.59 17.84 7.56
N ASP A 80 -13.70 17.43 8.19
CA ASP A 80 -14.59 16.45 7.56
C ASP A 80 -15.39 17.16 6.48
N VAL A 81 -15.10 16.85 5.23
CA VAL A 81 -15.81 17.49 4.11
C VAL A 81 -16.62 16.48 3.32
N THR A 82 -16.95 15.37 3.95
CA THR A 82 -17.74 14.32 3.31
C THR A 82 -18.99 14.85 2.63
N SER A 83 -19.72 15.74 3.32
CA SER A 83 -20.94 16.28 2.75
C SER A 83 -20.67 17.30 1.63
N GLN A 84 -19.63 18.10 1.77
CA GLN A 84 -19.32 19.11 0.77
C GLN A 84 -19.00 18.52 -0.60
N TYR A 85 -18.29 17.40 -0.62
CA TYR A 85 -17.93 16.77 -1.89
C TYR A 85 -18.86 15.64 -2.27
N SER A 86 -19.18 14.80 -1.29
CA SER A 86 -20.05 13.67 -1.51
C SER A 86 -19.41 12.69 -2.49
N TYR A 87 -20.15 11.65 -2.85
CA TYR A 87 -19.62 10.63 -3.74
C TYR A 87 -20.71 9.71 -4.28
N THR A 88 -20.40 9.00 -5.37
CA THR A 88 -21.34 8.04 -5.93
C THR A 88 -20.80 6.64 -5.63
N ASN A 89 -21.68 5.65 -5.61
CA ASN A 89 -21.28 4.28 -5.32
C ASN A 89 -22.30 3.34 -5.95
N ASP A 90 -21.89 2.59 -6.96
CA ASP A 90 -22.76 1.66 -7.64
C ASP A 90 -22.47 0.21 -7.25
N GLY A 91 -21.74 0.03 -6.15
CA GLY A 91 -21.42 -1.31 -5.70
C GLY A 91 -20.04 -1.80 -6.08
N SER A 92 -19.53 -1.39 -7.23
CA SER A 92 -18.21 -1.80 -7.66
C SER A 92 -17.24 -0.65 -7.82
N LYS A 93 -17.77 0.57 -7.82
CA LYS A 93 -16.94 1.76 -7.97
C LYS A 93 -17.50 2.94 -7.18
N ILE A 94 -16.62 3.62 -6.44
CA ILE A 94 -17.00 4.80 -5.69
C ILE A 94 -16.31 5.96 -6.42
N THR A 95 -17.07 6.98 -6.77
CA THR A 95 -16.50 8.12 -7.50
C THR A 95 -16.64 9.44 -6.75
N ILE A 96 -15.53 10.17 -6.62
CA ILE A 96 -15.51 11.47 -5.95
C ILE A 96 -15.06 12.57 -6.92
N ASP A 97 -15.89 13.61 -7.07
CA ASP A 97 -15.59 14.74 -7.95
C ASP A 97 -14.91 15.79 -7.08
N TRP A 98 -13.67 16.16 -7.42
CA TRP A 98 -12.98 17.15 -6.61
C TRP A 98 -13.38 18.58 -6.96
N LYS A 99 -14.37 18.69 -7.85
CA LYS A 99 -14.95 19.97 -8.28
C LYS A 99 -14.01 20.97 -8.94
N THR A 100 -12.82 20.55 -9.31
CA THR A 100 -11.86 21.46 -9.94
C THR A 100 -10.86 20.68 -10.76
N ASN A 101 -10.17 21.37 -11.66
CA ASN A 101 -9.18 20.71 -12.50
C ASN A 101 -7.81 21.06 -11.95
N SER A 102 -7.79 21.61 -10.75
CA SER A 102 -6.54 22.01 -10.12
C SER A 102 -6.56 21.93 -8.60
N ILE A 103 -5.54 21.25 -8.05
CA ILE A 103 -5.40 21.14 -6.60
C ILE A 103 -4.03 21.76 -6.31
N SER A 104 -4.02 22.79 -5.48
CA SER A 104 -2.80 23.51 -5.15
C SER A 104 -1.85 22.72 -4.25
N SER A 105 -0.59 23.13 -4.27
CA SER A 105 0.45 22.48 -3.48
C SER A 105 0.16 22.45 -1.98
N THR A 106 -0.72 23.34 -1.51
CA THR A 106 -1.04 23.40 -0.09
C THR A 106 -2.34 22.66 0.29
N THR A 107 -2.95 21.99 -0.68
CA THR A 107 -4.20 21.29 -0.44
C THR A 107 -4.09 19.77 -0.55
N SER A 108 -4.58 19.07 0.45
CA SER A 108 -4.56 17.61 0.45
C SER A 108 -5.89 17.08 0.94
N TYR A 109 -6.23 15.86 0.51
CA TYR A 109 -7.48 15.23 0.94
C TYR A 109 -7.16 13.82 1.39
N VAL A 110 -8.06 13.26 2.19
CA VAL A 110 -7.89 11.89 2.66
C VAL A 110 -9.25 11.22 2.57
N VAL A 111 -9.32 10.13 1.82
CA VAL A 111 -10.56 9.38 1.67
C VAL A 111 -10.41 8.08 2.42
N LEU A 112 -11.33 7.80 3.34
CA LEU A 112 -11.29 6.56 4.11
C LEU A 112 -12.47 5.72 3.67
N VAL A 113 -12.18 4.48 3.25
CA VAL A 113 -13.21 3.57 2.82
C VAL A 113 -13.15 2.32 3.70
N LYS A 114 -14.22 2.10 4.47
CA LYS A 114 -14.29 0.95 5.35
C LYS A 114 -15.29 -0.05 4.81
N ILE A 115 -14.86 -1.28 4.59
CA ILE A 115 -15.74 -2.32 4.07
C ILE A 115 -15.54 -3.65 4.78
N PRO A 116 -16.51 -4.57 4.64
CA PRO A 116 -16.36 -5.87 5.29
C PRO A 116 -15.07 -6.50 4.77
N LYS A 117 -14.32 -7.16 5.66
CA LYS A 117 -13.08 -7.79 5.25
C LYS A 117 -13.30 -8.75 4.09
N GLN A 118 -12.76 -8.38 2.93
CA GLN A 118 -12.88 -9.20 1.73
C GLN A 118 -11.51 -9.36 1.11
N SER A 119 -11.25 -10.54 0.58
CA SER A 119 -9.97 -10.81 -0.06
C SER A 119 -10.12 -10.36 -1.51
N GLY A 120 -9.09 -9.71 -2.05
CA GLY A 120 -9.16 -9.24 -3.41
C GLY A 120 -8.31 -8.00 -3.63
N VAL A 121 -8.47 -7.38 -4.80
CA VAL A 121 -7.70 -6.20 -5.16
C VAL A 121 -8.55 -4.95 -5.32
N LEU A 122 -8.20 -3.90 -4.57
CA LEU A 122 -8.93 -2.63 -4.66
C LEU A 122 -7.99 -1.60 -5.28
N TYR A 123 -8.55 -0.66 -6.04
CA TYR A 123 -7.71 0.38 -6.64
C TYR A 123 -8.28 1.76 -6.30
N SER A 124 -7.41 2.78 -6.36
CA SER A 124 -7.81 4.16 -6.12
C SER A 124 -7.11 4.99 -7.17
N THR A 125 -7.76 6.05 -7.62
CA THR A 125 -7.14 6.89 -8.64
C THR A 125 -7.28 8.38 -8.36
N VAL A 126 -6.56 9.13 -9.17
CA VAL A 126 -6.67 10.58 -9.26
C VAL A 126 -6.67 10.54 -10.79
N SER A 127 -7.86 10.72 -11.36
CA SER A 127 -8.01 10.64 -12.80
C SER A 127 -9.25 11.38 -13.28
N ASP A 128 -9.48 11.30 -14.59
CA ASP A 128 -10.66 11.90 -15.18
C ASP A 128 -11.73 10.86 -14.85
N ILE A 129 -12.99 11.22 -15.04
CA ILE A 129 -14.08 10.31 -14.71
C ILE A 129 -14.03 8.99 -15.46
N ASN A 130 -13.49 9.01 -16.68
CA ASN A 130 -13.41 7.79 -17.49
C ASN A 130 -12.14 6.97 -17.32
N GLN A 131 -11.29 7.37 -16.38
CA GLN A 131 -10.05 6.64 -16.14
C GLN A 131 -9.18 6.45 -17.39
N THR A 132 -8.94 7.53 -18.12
CA THR A 132 -8.11 7.46 -19.32
C THR A 132 -6.84 8.29 -19.09
N TYR A 133 -6.82 9.02 -17.98
CA TYR A 133 -5.67 9.87 -17.64
C TYR A 133 -5.51 9.96 -16.13
N GLY A 134 -4.27 10.02 -15.66
CA GLY A 134 -4.04 10.15 -14.23
C GLY A 134 -3.14 9.08 -13.64
N SER A 135 -3.39 8.75 -12.39
CA SER A 135 -2.60 7.75 -11.69
C SER A 135 -3.51 6.77 -10.96
N LYS A 136 -3.15 5.49 -10.99
CA LYS A 136 -3.94 4.47 -10.32
C LYS A 136 -3.06 3.61 -9.40
N TYR A 137 -3.45 3.50 -8.13
CA TYR A 137 -2.73 2.66 -7.18
C TYR A 137 -3.61 1.44 -6.89
N SER A 138 -2.99 0.30 -6.67
CA SER A 138 -3.76 -0.93 -6.40
C SER A 138 -3.23 -1.64 -5.17
N TYR A 139 -4.12 -2.19 -4.36
CA TYR A 139 -3.71 -2.93 -3.17
C TYR A 139 -4.49 -4.23 -3.05
N GLY A 140 -3.79 -5.32 -2.85
CA GLY A 140 -4.47 -6.60 -2.75
C GLY A 140 -3.98 -7.53 -1.66
N HIS A 141 -4.88 -8.38 -1.19
CA HIS A 141 -4.54 -9.35 -0.18
C HIS A 141 -5.27 -10.65 -0.46
N THR A 142 -4.53 -11.76 -0.41
CA THR A 142 -5.15 -13.05 -0.64
C THR A 142 -4.56 -14.03 0.35
N ASN A 143 -5.34 -15.03 0.71
CA ASN A 143 -4.85 -16.04 1.61
C ASN A 143 -4.45 -17.16 0.66
N ILE A 144 -3.17 -17.53 0.66
CA ILE A 144 -2.71 -18.60 -0.23
C ILE A 144 -3.41 -19.88 0.22
N SER A 145 -3.37 -20.14 1.52
CA SER A 145 -4.05 -21.29 2.11
C SER A 145 -3.68 -21.39 3.59
N GLY A 146 -4.49 -22.11 4.35
CA GLY A 146 -4.23 -22.28 5.76
C GLY A 146 -4.99 -21.30 6.64
N ASP A 147 -4.93 -21.54 7.94
CA ASP A 147 -5.61 -20.70 8.92
C ASP A 147 -4.60 -20.12 9.89
N SER A 148 -3.32 -20.08 9.49
CA SER A 148 -2.28 -19.54 10.35
C SER A 148 -2.46 -18.04 10.43
N ASP A 149 -1.74 -17.41 11.34
CA ASP A 149 -1.84 -15.97 11.50
C ASP A 149 -0.71 -15.24 10.80
N ALA A 150 -0.25 -15.82 9.69
CA ALA A 150 0.81 -15.21 8.91
C ALA A 150 0.23 -13.88 8.44
N ASN A 151 0.95 -12.80 8.66
CA ASN A 151 0.45 -11.50 8.26
C ASN A 151 1.55 -10.49 7.99
N ALA A 152 1.26 -9.55 7.09
CA ALA A 152 2.21 -8.51 6.72
C ALA A 152 1.43 -7.32 6.22
N GLU A 153 2.14 -6.22 6.00
CA GLU A 153 1.56 -5.00 5.47
C GLU A 153 2.60 -4.45 4.50
N ILE A 154 2.13 -3.88 3.39
CA ILE A 154 3.07 -3.35 2.39
C ILE A 154 2.69 -1.98 1.89
N LYS A 155 3.68 -1.28 1.33
CA LYS A 155 3.45 0.05 0.79
C LYS A 155 4.69 0.54 0.07
N LEU A 156 4.50 1.44 -0.89
CA LEU A 156 5.59 2.02 -1.66
C LEU A 156 5.73 3.46 -1.18
N LEU A 157 6.93 3.86 -0.77
CA LEU A 157 7.13 5.23 -0.30
C LEU A 157 8.53 5.75 -0.60
N SER A 158 8.64 7.08 -0.70
CA SER A 158 9.91 7.73 -0.95
C SER A 158 10.63 7.97 0.36
N ARG B 9 17.38 11.41 -8.01
CA ARG B 9 17.63 9.97 -7.72
C ARG B 9 16.55 9.08 -8.32
N GLN B 10 15.29 9.47 -8.14
CA GLN B 10 14.17 8.71 -8.64
C GLN B 10 14.17 7.25 -8.21
N THR B 11 14.00 7.05 -6.92
CA THR B 11 13.95 5.70 -6.36
C THR B 11 12.78 5.68 -5.39
N GLU B 12 12.19 4.52 -5.21
CA GLU B 12 11.11 4.38 -4.25
C GLU B 12 11.48 3.17 -3.42
N THR B 13 10.96 3.10 -2.21
CA THR B 13 11.25 1.97 -1.37
C THR B 13 9.97 1.19 -1.14
N TYR B 14 10.03 -0.10 -1.49
CA TYR B 14 8.90 -1.01 -1.32
C TYR B 14 9.13 -1.59 0.06
N ILE B 15 8.26 -1.23 1.00
CA ILE B 15 8.38 -1.66 2.39
C ILE B 15 7.40 -2.75 2.75
N THR B 16 7.91 -3.81 3.39
CA THR B 16 7.07 -4.92 3.82
C THR B 16 7.24 -5.06 5.32
N GLN B 17 6.14 -4.93 6.06
CA GLN B 17 6.20 -5.08 7.50
C GLN B 17 5.81 -6.52 7.78
N ILE B 18 6.62 -7.21 8.57
CA ILE B 18 6.34 -8.60 8.90
C ILE B 18 5.74 -8.67 10.31
N ASN B 19 4.55 -9.27 10.39
CA ASN B 19 3.81 -9.42 11.64
C ASN B 19 3.43 -8.10 12.31
N PRO B 20 2.87 -7.16 11.54
CA PRO B 20 2.48 -5.88 12.16
C PRO B 20 1.28 -6.07 13.07
N GLU B 21 0.60 -7.21 12.96
CA GLU B 21 -0.57 -7.46 13.80
C GLU B 21 -0.20 -7.97 15.19
N GLY B 22 1.08 -8.26 15.39
CA GLY B 22 1.55 -8.75 16.68
C GLY B 22 0.90 -10.04 17.12
N LYS B 23 0.89 -11.02 16.23
CA LYS B 23 0.30 -12.32 16.52
C LYS B 23 1.36 -13.38 16.37
N GLU B 24 1.14 -14.56 16.96
CA GLU B 24 2.12 -15.62 16.81
C GLU B 24 1.88 -16.25 15.45
N MET B 25 2.89 -16.16 14.59
CA MET B 25 2.80 -16.75 13.26
C MET B 25 3.49 -18.09 13.35
N TYR B 26 2.70 -19.15 13.31
CA TYR B 26 3.22 -20.50 13.46
C TYR B 26 2.94 -21.40 12.26
N PHE B 27 3.96 -22.13 11.84
CA PHE B 27 3.87 -23.07 10.74
C PHE B 27 4.05 -24.49 11.27
N ALA B 28 3.00 -25.30 11.16
CA ALA B 28 3.06 -26.67 11.63
C ALA B 28 4.19 -27.42 10.95
N SER B 29 4.57 -28.56 11.53
CA SER B 29 5.61 -29.39 10.99
C SER B 29 5.23 -29.83 9.57
N GLY B 30 6.18 -29.75 8.65
CA GLY B 30 5.91 -30.16 7.28
C GLY B 30 5.90 -29.00 6.32
N LEU B 31 5.65 -27.81 6.84
CA LEU B 31 5.61 -26.60 6.03
C LEU B 31 6.98 -25.94 5.94
N GLY B 32 7.88 -26.31 6.85
CA GLY B 32 9.20 -25.73 6.84
C GLY B 32 9.18 -24.39 7.55
N ASN B 33 10.22 -23.58 7.36
CA ASN B 33 10.29 -22.28 8.00
C ASN B 33 9.39 -21.25 7.35
N LEU B 34 9.18 -20.14 8.05
CA LEU B 34 8.39 -19.04 7.52
C LEU B 34 9.35 -18.33 6.58
N TYR B 35 8.82 -17.85 5.46
CA TYR B 35 9.62 -17.15 4.46
C TYR B 35 8.85 -15.93 3.98
N THR B 36 9.58 -15.00 3.38
CA THR B 36 8.93 -13.86 2.75
C THR B 36 9.49 -13.82 1.36
N ILE B 37 8.59 -13.83 0.38
CA ILE B 37 8.99 -13.78 -1.01
C ILE B 37 8.43 -12.47 -1.55
N ILE B 38 9.27 -11.74 -2.27
CA ILE B 38 8.88 -10.46 -2.85
C ILE B 38 9.12 -10.54 -4.35
N GLY B 39 8.09 -10.24 -5.14
CA GLY B 39 8.23 -10.30 -6.59
C GLY B 39 7.22 -9.40 -7.26
N SER B 40 6.99 -9.60 -8.56
CA SER B 40 6.03 -8.77 -9.27
C SER B 40 5.04 -9.62 -10.05
N ASP B 41 4.07 -8.96 -10.69
CA ASP B 41 3.06 -9.68 -11.46
C ASP B 41 3.12 -9.34 -12.93
N GLY B 42 2.02 -8.78 -13.45
CA GLY B 42 1.95 -8.43 -14.85
C GLY B 42 0.85 -9.19 -15.57
N SER B 46 4.02 -5.21 -17.01
CA SER B 46 5.40 -5.67 -17.09
C SER B 46 5.99 -5.89 -15.71
N PRO B 47 6.82 -6.91 -15.58
CA PRO B 47 7.44 -7.21 -14.29
C PRO B 47 8.36 -6.09 -13.83
N VAL B 48 8.48 -5.90 -12.52
CA VAL B 48 9.36 -4.88 -11.95
C VAL B 48 10.74 -5.49 -11.84
N ASN B 49 11.74 -4.75 -12.30
CA ASN B 49 13.12 -5.21 -12.27
C ASN B 49 13.70 -5.03 -10.88
N LEU B 50 14.20 -6.11 -10.30
CA LEU B 50 14.78 -6.04 -8.95
C LEU B 50 16.28 -6.26 -8.94
N LEU B 51 16.89 -6.35 -10.12
CA LEU B 51 18.32 -6.58 -10.22
C LEU B 51 19.19 -5.55 -9.52
N ASN B 52 18.76 -4.30 -9.48
CA ASN B 52 19.54 -3.25 -8.84
C ASN B 52 18.92 -2.78 -7.53
N ALA B 53 18.14 -3.66 -6.91
CA ALA B 53 17.49 -3.36 -5.65
C ALA B 53 18.46 -3.34 -4.48
N GLU B 54 18.25 -2.41 -3.57
CA GLU B 54 19.06 -2.30 -2.36
C GLU B 54 18.14 -2.81 -1.26
N VAL B 55 18.59 -3.83 -0.55
CA VAL B 55 17.77 -4.45 0.48
C VAL B 55 18.29 -4.33 1.90
N LYS B 56 17.39 -3.98 2.82
CA LYS B 56 17.74 -3.88 4.23
C LYS B 56 16.66 -4.59 5.03
N ILE B 57 17.08 -5.32 6.05
CA ILE B 57 16.13 -6.04 6.89
C ILE B 57 16.32 -5.60 8.33
N LEU B 58 15.22 -5.24 8.98
CA LEU B 58 15.25 -4.79 10.37
C LEU B 58 14.35 -5.64 11.27
N LYS B 59 14.74 -5.75 12.53
CA LYS B 59 13.97 -6.51 13.52
C LYS B 59 13.53 -5.54 14.61
N THR B 60 12.31 -5.70 15.12
CA THR B 60 11.78 -4.82 16.15
C THR B 60 10.48 -5.37 16.74
N ASN B 61 9.84 -4.57 17.58
CA ASN B 61 8.57 -4.96 18.19
C ASN B 61 7.41 -4.47 17.33
N SER B 62 6.42 -5.33 17.16
CA SER B 62 5.24 -5.00 16.36
C SER B 62 4.55 -3.70 16.72
N LYS B 63 4.48 -3.39 18.00
CA LYS B 63 3.81 -2.17 18.47
C LYS B 63 4.44 -0.89 17.92
N ASN B 64 5.53 -1.03 17.16
CA ASN B 64 6.22 0.13 16.60
C ASN B 64 5.80 0.41 15.15
N LEU B 65 5.39 -0.64 14.45
CA LEU B 65 5.00 -0.53 13.06
C LEU B 65 3.75 0.34 12.87
N THR B 66 3.86 1.33 11.99
CA THR B 66 2.75 2.25 11.71
C THR B 66 2.22 2.08 10.30
N ASP B 67 0.99 2.53 10.06
CA ASP B 67 0.38 2.43 8.75
C ASP B 67 1.17 3.26 7.74
N SER B 68 1.84 4.29 8.24
CA SER B 68 2.63 5.19 7.41
C SER B 68 3.89 4.52 6.87
N MET B 69 4.51 3.69 7.70
CA MET B 69 5.74 3.00 7.33
C MET B 69 6.89 3.99 7.18
N ASP B 70 6.62 5.24 7.54
CA ASP B 70 7.61 6.30 7.46
C ASP B 70 8.22 6.52 8.83
N GLN B 71 9.11 5.62 9.23
CA GLN B 71 9.73 5.72 10.55
C GLN B 71 11.24 5.91 10.47
N ASN B 72 11.84 6.15 11.63
CA ASN B 72 13.27 6.34 11.71
C ASN B 72 13.91 4.96 11.83
N TYR B 73 14.12 4.32 10.68
CA TYR B 73 14.71 3.00 10.63
C TYR B 73 16.16 3.01 11.09
N ASP B 74 16.58 4.15 11.65
CA ASP B 74 17.93 4.33 12.13
C ASP B 74 17.92 4.57 13.65
N SER B 75 16.89 4.06 14.32
CA SER B 75 16.76 4.25 15.76
C SER B 75 16.98 2.96 16.55
N PRO B 76 17.14 3.07 17.89
CA PRO B 76 17.36 1.92 18.77
C PRO B 76 16.26 0.88 18.64
N GLU B 77 15.07 1.34 18.26
CA GLU B 77 13.92 0.46 18.08
C GLU B 77 14.25 -0.65 17.09
N PHE B 78 14.87 -0.27 15.99
CA PHE B 78 15.23 -1.20 14.93
C PHE B 78 16.68 -1.66 14.95
N GLU B 79 16.89 -2.94 14.71
CA GLU B 79 18.23 -3.50 14.65
C GLU B 79 18.41 -4.01 13.22
N ASP B 80 19.61 -3.86 12.68
CA ASP B 80 19.90 -4.32 11.33
C ASP B 80 20.25 -5.80 11.36
N VAL B 81 19.44 -6.61 10.69
CA VAL B 81 19.68 -8.04 10.65
C VAL B 81 19.84 -8.52 9.21
N THR B 82 20.17 -7.58 8.32
CA THR B 82 20.34 -7.86 6.90
C THR B 82 21.29 -9.03 6.64
N SER B 83 22.40 -9.07 7.35
CA SER B 83 23.37 -10.14 7.19
C SER B 83 22.93 -11.43 7.87
N GLN B 84 22.36 -11.31 9.05
CA GLN B 84 21.93 -12.50 9.79
C GLN B 84 20.92 -13.31 9.00
N TYR B 85 20.06 -12.62 8.25
CA TYR B 85 19.05 -13.32 7.48
C TYR B 85 19.51 -13.58 6.06
N SER B 86 19.94 -12.52 5.36
CA SER B 86 20.40 -12.62 3.98
C SER B 86 19.18 -12.77 3.09
N TYR B 87 19.42 -12.99 1.80
CA TYR B 87 18.33 -13.10 0.85
C TYR B 87 18.87 -13.53 -0.50
N THR B 88 17.99 -14.10 -1.32
CA THR B 88 18.37 -14.49 -2.67
C THR B 88 17.56 -13.57 -3.58
N ASN B 89 18.20 -13.06 -4.62
CA ASN B 89 17.53 -12.16 -5.56
C ASN B 89 17.97 -12.55 -6.96
N ASP B 90 17.04 -13.07 -7.75
CA ASP B 90 17.38 -13.46 -9.12
C ASP B 90 16.98 -12.38 -10.13
N GLY B 91 16.54 -11.24 -9.64
CA GLY B 91 16.15 -10.16 -10.53
C GLY B 91 14.64 -9.98 -10.61
N SER B 92 13.90 -11.06 -10.39
CA SER B 92 12.45 -10.98 -10.45
C SER B 92 11.82 -11.34 -9.11
N LYS B 93 12.56 -12.09 -8.29
CA LYS B 93 12.08 -12.54 -6.98
C LYS B 93 13.15 -12.37 -5.90
N ILE B 94 12.74 -11.92 -4.71
CA ILE B 94 13.66 -11.80 -3.57
C ILE B 94 13.07 -12.76 -2.54
N THR B 95 13.90 -13.66 -2.02
CA THR B 95 13.44 -14.64 -1.05
C THR B 95 14.21 -14.54 0.25
N ILE B 96 13.48 -14.49 1.35
CA ILE B 96 14.07 -14.38 2.68
C ILE B 96 13.59 -15.52 3.57
N ASP B 97 14.55 -16.27 4.12
CA ASP B 97 14.28 -17.40 5.03
C ASP B 97 14.31 -16.79 6.44
N TRP B 98 13.21 -16.89 7.19
CA TRP B 98 13.17 -16.32 8.53
C TRP B 98 13.78 -17.25 9.57
N LYS B 99 14.26 -18.39 9.08
CA LYS B 99 14.94 -19.40 9.88
C LYS B 99 14.21 -20.03 11.07
N THR B 100 12.89 -20.00 11.03
CA THR B 100 12.09 -20.60 12.10
C THR B 100 10.68 -20.84 11.59
N ASN B 101 9.97 -21.75 12.23
CA ASN B 101 8.59 -22.04 11.84
C ASN B 101 7.68 -21.34 12.83
N SER B 102 8.26 -20.50 13.66
CA SER B 102 7.50 -19.77 14.67
C SER B 102 8.06 -18.38 14.99
N ILE B 103 7.26 -17.35 14.71
CA ILE B 103 7.64 -15.97 15.01
C ILE B 103 6.65 -15.49 16.08
N SER B 104 7.17 -15.14 17.25
CA SER B 104 6.34 -14.71 18.36
C SER B 104 5.54 -13.44 18.10
N SER B 105 4.53 -13.21 18.94
CA SER B 105 3.66 -12.06 18.81
C SER B 105 4.40 -10.75 19.06
N THR B 106 5.53 -10.81 19.75
CA THR B 106 6.30 -9.61 20.05
C THR B 106 7.47 -9.40 19.09
N THR B 107 7.51 -10.18 18.02
CA THR B 107 8.58 -10.07 17.05
C THR B 107 8.04 -9.65 15.69
N SER B 108 8.68 -8.66 15.09
CA SER B 108 8.29 -8.16 13.78
C SER B 108 9.54 -7.78 13.01
N TYR B 109 9.44 -7.75 11.69
CA TYR B 109 10.56 -7.39 10.84
C TYR B 109 10.06 -6.38 9.82
N VAL B 110 11.00 -5.66 9.20
CA VAL B 110 10.66 -4.71 8.16
C VAL B 110 11.65 -4.93 7.06
N VAL B 111 11.16 -5.20 5.86
CA VAL B 111 12.07 -5.41 4.74
C VAL B 111 11.94 -4.21 3.84
N LEU B 112 13.08 -3.57 3.59
CA LEU B 112 13.09 -2.38 2.74
C LEU B 112 13.76 -2.73 1.42
N VAL B 113 13.03 -2.55 0.32
CA VAL B 113 13.57 -2.84 -1.00
C VAL B 113 13.56 -1.54 -1.80
N LYS B 114 14.73 -0.92 -1.95
CA LYS B 114 14.83 0.33 -2.68
C LYS B 114 15.17 0.07 -4.14
N ILE B 115 14.31 0.54 -5.03
CA ILE B 115 14.50 0.33 -6.45
C ILE B 115 14.26 1.57 -7.27
N PRO B 116 14.68 1.56 -8.55
CA PRO B 116 14.46 2.73 -9.40
C PRO B 116 12.95 2.90 -9.52
N LYS B 117 12.48 4.14 -9.48
CA LYS B 117 11.04 4.42 -9.60
C LYS B 117 10.45 3.70 -10.81
N GLN B 118 9.53 2.78 -10.56
CA GLN B 118 8.90 2.02 -11.63
C GLN B 118 7.41 1.87 -11.43
N SER B 119 6.69 1.65 -12.52
CA SER B 119 5.26 1.42 -12.46
C SER B 119 5.14 -0.10 -12.45
N GLY B 120 4.02 -0.61 -11.94
CA GLY B 120 3.84 -2.04 -11.89
C GLY B 120 3.33 -2.46 -10.54
N VAL B 121 3.17 -3.76 -10.34
CA VAL B 121 2.67 -4.25 -9.06
C VAL B 121 3.62 -5.25 -8.45
N LEU B 122 3.97 -5.00 -7.20
CA LEU B 122 4.86 -5.90 -6.47
C LEU B 122 4.01 -6.67 -5.47
N TYR B 123 4.54 -7.79 -5.00
CA TYR B 123 3.83 -8.57 -3.99
C TYR B 123 4.82 -9.02 -2.94
N SER B 124 4.31 -9.29 -1.74
CA SER B 124 5.12 -9.78 -0.64
C SER B 124 4.32 -10.89 0.03
N THR B 125 5.01 -11.89 0.56
CA THR B 125 4.30 -12.97 1.24
C THR B 125 4.91 -13.23 2.60
N VAL B 126 4.16 -14.00 3.39
CA VAL B 126 4.65 -14.54 4.65
C VAL B 126 4.12 -15.92 4.33
N SER B 127 4.99 -16.80 3.86
CA SER B 127 4.55 -18.11 3.43
C SER B 127 5.64 -19.16 3.61
N ASP B 128 5.36 -20.35 3.08
CA ASP B 128 6.34 -21.41 3.10
C ASP B 128 7.23 -21.07 1.90
N ILE B 129 8.36 -21.77 1.80
CA ILE B 129 9.30 -21.52 0.72
C ILE B 129 8.69 -21.56 -0.69
N ASN B 130 7.70 -22.44 -0.89
CA ASN B 130 7.08 -22.59 -2.21
C ASN B 130 5.80 -21.80 -2.46
N GLN B 131 5.46 -20.89 -1.56
CA GLN B 131 4.25 -20.08 -1.72
C GLN B 131 2.99 -20.92 -1.91
N THR B 132 2.82 -21.93 -1.06
CA THR B 132 1.64 -22.79 -1.14
C THR B 132 0.80 -22.64 0.12
N TYR B 133 1.33 -21.92 1.09
CA TYR B 133 0.67 -21.74 2.38
C TYR B 133 0.98 -20.35 2.92
N GLY B 134 0.00 -19.69 3.53
CA GLY B 134 0.28 -18.39 4.08
C GLY B 134 -0.52 -17.25 3.50
N SER B 135 0.07 -16.05 3.52
CA SER B 135 -0.61 -14.85 3.04
C SER B 135 0.22 -14.10 2.02
N LYS B 136 -0.47 -13.48 1.06
CA LYS B 136 0.19 -12.72 0.02
C LYS B 136 -0.48 -11.36 -0.12
N TYR B 137 0.32 -10.32 -0.34
CA TYR B 137 -0.19 -8.95 -0.48
C TYR B 137 0.41 -8.32 -1.72
N SER B 138 -0.36 -7.50 -2.42
CA SER B 138 0.16 -6.87 -3.63
C SER B 138 -0.03 -5.36 -3.57
N TYR B 139 0.87 -4.62 -4.19
CA TYR B 139 0.79 -3.15 -4.17
C TYR B 139 1.49 -2.58 -5.39
N GLY B 140 0.87 -1.57 -5.99
CA GLY B 140 1.51 -0.99 -7.15
C GLY B 140 0.81 0.26 -7.63
N HIS B 141 1.43 0.91 -8.60
CA HIS B 141 0.84 2.11 -9.18
C HIS B 141 1.22 2.17 -10.65
N THR B 142 0.45 2.91 -11.42
CA THR B 142 0.73 3.04 -12.84
C THR B 142 0.18 4.35 -13.34
N ASN B 143 0.81 4.85 -14.42
CA ASN B 143 0.40 6.10 -15.07
C ASN B 143 -0.69 5.63 -16.03
N ILE B 144 -1.92 6.09 -15.83
CA ILE B 144 -3.03 5.63 -16.65
C ILE B 144 -2.89 5.89 -18.15
N SER B 145 -2.58 7.11 -18.54
CA SER B 145 -2.46 7.44 -19.97
C SER B 145 -1.08 7.10 -20.54
N GLY B 146 -0.06 7.10 -19.68
CA GLY B 146 1.27 6.82 -20.13
C GLY B 146 1.94 8.09 -20.63
N ASP B 147 1.28 9.24 -20.45
CA ASP B 147 1.86 10.51 -20.90
C ASP B 147 2.99 10.94 -19.99
N SER B 148 4.05 11.48 -20.57
CA SER B 148 5.19 11.96 -19.80
C SER B 148 5.05 13.46 -19.61
N ASP B 149 4.22 13.86 -18.64
CA ASP B 149 4.00 15.27 -18.36
C ASP B 149 4.30 15.60 -16.90
N ALA B 150 3.89 16.79 -16.48
CA ALA B 150 4.12 17.26 -15.11
C ALA B 150 3.54 16.31 -14.07
N ASN B 151 2.32 15.83 -14.30
CA ASN B 151 1.68 14.93 -13.35
C ASN B 151 2.36 13.57 -13.21
N ALA B 152 3.05 13.14 -14.27
CA ALA B 152 3.75 11.86 -14.24
C ALA B 152 5.03 11.96 -13.41
N GLU B 153 5.43 13.18 -13.07
CA GLU B 153 6.64 13.41 -12.29
C GLU B 153 6.39 13.52 -10.80
N ILE B 154 5.11 13.57 -10.41
CA ILE B 154 4.77 13.69 -9.00
C ILE B 154 3.83 12.58 -8.56
N LYS B 155 3.66 12.47 -7.24
CA LYS B 155 2.78 11.45 -6.69
C LYS B 155 1.42 12.11 -6.47
N LEU B 156 0.44 11.75 -7.30
CA LEU B 156 -0.90 12.34 -7.19
C LEU B 156 -1.68 11.80 -6.00
N LEU B 157 -1.37 10.58 -5.59
CA LEU B 157 -2.07 9.98 -4.47
C LEU B 157 -1.23 8.87 -3.87
N SER B 158 -1.73 8.32 -2.79
CA SER B 158 -1.10 7.22 -2.11
C SER B 158 -2.24 6.36 -1.62
N LEU B 159 -1.99 5.05 -1.52
CA LEU B 159 -3.01 4.13 -1.04
C LEU B 159 -2.41 3.20 0.00
N GLU B 160 -3.13 2.97 1.09
CA GLU B 160 -2.59 2.13 2.16
C GLU B 160 -3.72 1.44 2.86
N HIS B 161 -3.39 0.28 3.40
CA HIS B 161 -4.34 -0.52 4.10
C HIS B 161 -4.09 -0.28 5.57
N HIS B 162 -5.16 -0.06 6.31
CA HIS B 162 -5.06 0.18 7.74
C HIS B 162 -4.83 -1.17 8.43
N HIS B 163 -3.74 -1.32 9.17
CA HIS B 163 -3.51 -2.61 9.82
C HIS B 163 -4.08 -2.59 11.23
N HIS B 164 -4.48 -3.77 11.69
CA HIS B 164 -5.06 -3.91 13.02
C HIS B 164 -4.01 -4.53 13.95
N HIS B 165 -3.98 -4.06 15.19
CA HIS B 165 -3.08 -4.57 16.20
C HIS B 165 -3.91 -4.64 17.48
N HIS B 166 -4.56 -5.77 17.70
CA HIS B 166 -5.38 -5.91 18.91
C HIS B 166 -4.55 -5.94 20.19
#